data_5VQI
#
_entry.id   5VQI
#
_cell.length_a   45.034
_cell.length_b   63.706
_cell.length_c   183.635
_cell.angle_alpha   90.00
_cell.angle_beta   90.00
_cell.angle_gamma   90.00
#
_symmetry.space_group_name_H-M   'P 21 21 21'
#
loop_
_entity.id
_entity.type
_entity.pdbx_description
1 polymer 'Importin subunit alpha'
2 polymer 'Nuclear localization sequence of NIT2 transcription factor (NIT2-NLS)'
3 water water
#
loop_
_entity_poly.entity_id
_entity_poly.type
_entity_poly.pdbx_seq_one_letter_code
_entity_poly.pdbx_strand_id
1 'polypeptide(L)'
;MGSSHHHHHHSSGLVPRGSHMTESQLSEDLPKMVEGVFSSEIDKQIQATTKFRKLLSKERNPPIEEVIKTGVVGRFVEFL
RSPHTLVQFEAAWALTNIASGSATQTQVVIEAGAVPIFVELLGSPEPDVREQAVWALGNIAGDSPQCRDYVLSCGALRPL
LTLLGDSRKLSMLRNATWTLSNFCRGKTPQPDWNTIAPALPVLAKLVYSLDDEVLIDACWAISYLSDGSNDKIQAVIEAG
IPRRLVELLMHASTSVQTPALRSVGNIVTGDDVQTQVIINCGALPCLLSLLSSNKDGIRKEACWTISNITAGNSAQIQSV
IDANIIPPLIHLLSHADLKTRKEACWAISNATSGGLQKPDQIRYLVAQGCIKPLCDLLACPDNKIIQVALDGLENILKVG
ELDKNAAGDGPDSINRYALFIEECGGMEKIHDCQTNANEEIYMKAYNIIEKYFSDEDEAGDEAMGAQQQFGFGASGGAQQ
GGFNFGANGTESMDM
;
B
2 'polypeptide(L)' TISSKRQRRHSKS A,C
#
# COMPACT_ATOMS: atom_id res chain seq x y z
N ASP A 29 9.24 -22.21 38.64
CA ASP A 29 9.70 -21.06 39.41
C ASP A 29 10.97 -20.42 38.81
N LEU A 30 10.94 -19.09 38.68
CA LEU A 30 11.91 -18.37 37.84
C LEU A 30 13.41 -18.63 38.10
N PRO A 31 13.85 -18.64 39.38
CA PRO A 31 15.30 -18.88 39.46
C PRO A 31 15.70 -20.32 39.12
N LYS A 32 14.86 -21.31 39.39
CA LYS A 32 15.20 -22.69 39.00
C LYS A 32 15.27 -22.80 37.48
N MET A 33 14.40 -22.08 36.79
CA MET A 33 14.40 -22.05 35.32
C MET A 33 15.70 -21.49 34.79
N VAL A 34 16.18 -20.43 35.44
CA VAL A 34 17.46 -19.82 35.07
C VAL A 34 18.59 -20.84 35.23
N GLU A 35 18.56 -21.55 36.36
CA GLU A 35 19.54 -22.60 36.65
C GLU A 35 19.53 -23.64 35.53
N GLY A 36 18.34 -24.08 35.14
CA GLY A 36 18.21 -25.07 34.08
C GLY A 36 18.81 -24.64 32.76
N VAL A 37 18.51 -23.41 32.37
CA VAL A 37 19.03 -22.84 31.14
C VAL A 37 20.58 -22.79 31.14
N PHE A 38 21.19 -22.58 32.31
CA PHE A 38 22.65 -22.48 32.42
C PHE A 38 23.29 -23.79 32.83
N SER A 39 22.49 -24.83 33.01
CA SER A 39 23.04 -26.16 33.17
C SER A 39 23.70 -26.58 31.85
N SER A 40 24.59 -27.54 31.89
CA SER A 40 25.19 -28.03 30.65
C SER A 40 24.48 -29.30 30.16
N GLU A 41 23.44 -29.72 30.87
CA GLU A 41 22.66 -30.91 30.50
C GLU A 41 21.49 -30.60 29.55
N ILE A 42 21.44 -31.34 28.44
CA ILE A 42 20.47 -31.05 27.39
C ILE A 42 19.04 -31.17 27.89
N ASP A 43 18.75 -32.10 28.79
CA ASP A 43 17.39 -32.23 29.26
C ASP A 43 17.02 -31.12 30.24
N LYS A 44 17.93 -30.75 31.15
CA LYS A 44 17.69 -29.59 32.00
C LYS A 44 17.50 -28.32 31.15
N GLN A 45 18.40 -28.12 30.19
CA GLN A 45 18.27 -27.05 29.20
C GLN A 45 16.89 -27.02 28.53
N ILE A 46 16.35 -28.18 28.23
CA ILE A 46 15.13 -28.23 27.43
C ILE A 46 13.88 -28.00 28.29
N GLN A 47 13.81 -28.60 29.47
CA GLN A 47 12.72 -28.37 30.43
C GLN A 47 12.63 -26.92 30.82
N ALA A 48 13.79 -26.34 31.11
CA ALA A 48 13.83 -24.94 31.50
C ALA A 48 13.37 -24.06 30.36
N THR A 49 13.97 -24.26 29.18
CA THR A 49 13.70 -23.41 28.04
C THR A 49 12.23 -23.49 27.62
N THR A 50 11.65 -24.68 27.69
CA THR A 50 10.23 -24.88 27.42
C THR A 50 9.36 -24.05 28.37
N LYS A 51 9.71 -24.03 29.65
CA LYS A 51 8.97 -23.22 30.62
C LYS A 51 9.04 -21.72 30.26
N PHE A 52 10.21 -21.29 29.77
CA PHE A 52 10.40 -19.92 29.29
C PHE A 52 9.58 -19.67 28.02
N ARG A 53 9.62 -20.62 27.08
CA ARG A 53 8.78 -20.54 25.90
C ARG A 53 7.30 -20.37 26.29
N LYS A 54 6.86 -21.15 27.27
CA LYS A 54 5.47 -21.10 27.65
C LYS A 54 5.14 -19.78 28.32
N LEU A 55 6.09 -19.23 29.07
CA LEU A 55 5.81 -18.01 29.80
C LEU A 55 5.80 -16.83 28.80
N LEU A 56 6.69 -16.87 27.82
CA LEU A 56 6.72 -15.83 26.80
C LEU A 56 5.56 -15.98 25.81
N SER A 57 4.76 -17.03 25.99
CA SER A 57 3.59 -17.28 25.14
C SER A 57 2.27 -16.75 25.71
N LYS A 58 2.28 -16.32 26.98
CA LYS A 58 1.12 -15.71 27.63
C LYS A 58 0.42 -14.69 26.72
N GLU A 59 -0.91 -14.74 26.68
CA GLU A 59 -1.66 -13.80 25.86
C GLU A 59 -1.53 -12.37 26.40
N ARG A 60 -1.85 -12.19 27.68
CA ARG A 60 -1.78 -10.86 28.31
C ARG A 60 -0.47 -10.66 29.07
N ASN A 61 0.23 -9.58 28.74
CA ASN A 61 1.45 -9.18 29.44
C ASN A 61 2.53 -10.24 29.62
N PRO A 62 3.05 -10.80 28.51
CA PRO A 62 4.19 -11.70 28.66
C PRO A 62 5.36 -10.97 29.31
N PRO A 63 5.88 -11.51 30.40
CA PRO A 63 6.98 -10.87 31.13
C PRO A 63 8.30 -10.89 30.35
N ILE A 64 8.28 -10.32 29.16
CA ILE A 64 9.44 -10.24 28.29
C ILE A 64 10.62 -9.66 29.04
N GLU A 65 10.37 -8.56 29.74
CA GLU A 65 11.40 -7.84 30.44
C GLU A 65 12.00 -8.64 31.58
N GLU A 66 11.14 -9.29 32.38
CA GLU A 66 11.67 -10.07 33.48
C GLU A 66 12.57 -11.17 32.95
N VAL A 67 12.15 -11.79 31.83
CA VAL A 67 12.93 -12.84 31.20
C VAL A 67 14.26 -12.27 30.73
N ILE A 68 14.21 -11.10 30.09
CA ILE A 68 15.40 -10.43 29.60
C ILE A 68 16.36 -10.13 30.76
N LYS A 69 15.82 -9.67 31.87
CA LYS A 69 16.61 -9.39 33.07
C LYS A 69 17.36 -10.62 33.64
N THR A 70 16.85 -11.81 33.41
CA THR A 70 17.48 -13.00 34.01
C THR A 70 18.82 -13.38 33.36
N GLY A 71 19.08 -12.91 32.14
CA GLY A 71 20.35 -13.16 31.48
C GLY A 71 20.38 -14.33 30.51
N VAL A 72 19.22 -14.91 30.22
CA VAL A 72 19.17 -16.13 29.38
C VAL A 72 19.15 -15.90 27.88
N VAL A 73 18.98 -14.67 27.41
CA VAL A 73 18.80 -14.50 25.98
C VAL A 73 20.06 -14.96 25.27
N GLY A 74 21.21 -14.69 25.87
CA GLY A 74 22.48 -15.20 25.36
C GLY A 74 22.51 -16.71 25.21
N ARG A 75 21.93 -17.40 26.18
CA ARG A 75 21.82 -18.86 26.14
C ARG A 75 20.90 -19.35 25.03
N PHE A 76 19.73 -18.73 24.89
CA PHE A 76 18.79 -19.12 23.83
C PHE A 76 19.49 -19.08 22.48
N VAL A 77 20.34 -18.08 22.29
CA VAL A 77 21.09 -17.98 21.05
C VAL A 77 22.15 -19.10 20.91
N GLU A 78 22.78 -19.50 22.01
CA GLU A 78 23.67 -20.66 21.94
C GLU A 78 22.86 -21.89 21.53
N PHE A 79 21.67 -22.03 22.12
CA PHE A 79 20.83 -23.20 21.89
C PHE A 79 20.46 -23.34 20.43
N LEU A 80 20.41 -22.21 19.73
CA LEU A 80 20.08 -22.18 18.31
C LEU A 80 21.05 -23.02 17.46
N ARG A 81 22.24 -23.30 18.00
CA ARG A 81 23.23 -24.11 17.28
C ARG A 81 23.43 -25.50 17.89
N SER A 82 22.66 -25.86 18.91
CA SER A 82 22.67 -27.24 19.39
C SER A 82 22.26 -28.20 18.27
N PRO A 83 22.77 -29.43 18.32
CA PRO A 83 22.36 -30.47 17.36
C PRO A 83 20.98 -31.01 17.66
N HIS A 84 20.56 -30.89 18.91
CA HIS A 84 19.22 -31.26 19.32
C HIS A 84 18.23 -30.24 18.76
N THR A 85 17.43 -30.67 17.80
CA THR A 85 16.51 -29.77 17.14
C THR A 85 15.47 -29.23 18.12
N LEU A 86 15.09 -30.02 19.12
CA LEU A 86 14.01 -29.61 20.02
C LEU A 86 14.38 -28.34 20.78
N VAL A 87 15.62 -28.28 21.27
CA VAL A 87 16.07 -27.10 21.99
C VAL A 87 16.28 -25.93 21.01
N GLN A 88 16.64 -26.23 19.76
CA GLN A 88 16.70 -25.21 18.72
C GLN A 88 15.35 -24.56 18.59
N PHE A 89 14.33 -25.40 18.55
CA PHE A 89 12.96 -24.98 18.38
C PHE A 89 12.42 -24.15 19.55
N GLU A 90 12.56 -24.68 20.77
CA GLU A 90 12.13 -23.98 21.97
C GLU A 90 12.88 -22.64 22.14
N ALA A 91 14.18 -22.66 21.91
CA ALA A 91 14.97 -21.43 21.99
C ALA A 91 14.43 -20.41 20.98
N ALA A 92 14.20 -20.87 19.74
CA ALA A 92 13.75 -20.01 18.66
C ALA A 92 12.36 -19.40 18.94
N TRP A 93 11.53 -20.19 19.59
CA TRP A 93 10.19 -19.75 19.93
C TRP A 93 10.25 -18.69 21.05
N ALA A 94 11.10 -18.90 22.05
CA ALA A 94 11.25 -17.93 23.13
C ALA A 94 11.76 -16.63 22.55
N LEU A 95 12.77 -16.75 21.70
CA LEU A 95 13.38 -15.59 21.08
C LEU A 95 12.36 -14.86 20.23
N THR A 96 11.53 -15.61 19.51
CA THR A 96 10.50 -15.03 18.65
C THR A 96 9.57 -14.12 19.44
N ASN A 97 9.26 -14.53 20.67
CA ASN A 97 8.32 -13.76 21.48
C ASN A 97 8.98 -12.65 22.28
N ILE A 98 10.29 -12.68 22.44
CA ILE A 98 10.95 -11.50 22.97
C ILE A 98 10.97 -10.43 21.89
N ALA A 99 11.26 -10.88 20.66
CA ALA A 99 11.29 -9.99 19.50
C ALA A 99 9.89 -9.52 19.10
N SER A 100 8.87 -10.01 19.78
CA SER A 100 7.51 -9.56 19.50
C SER A 100 7.17 -8.35 20.36
N GLY A 101 8.05 -7.99 21.28
CA GLY A 101 7.82 -6.86 22.16
C GLY A 101 8.34 -5.54 21.62
N SER A 102 8.78 -4.67 22.53
CA SER A 102 9.22 -3.34 22.16
C SER A 102 10.52 -3.33 21.35
N ALA A 103 10.83 -2.18 20.78
CA ALA A 103 12.06 -1.98 20.03
C ALA A 103 13.30 -2.33 20.84
N THR A 104 13.34 -1.90 22.11
CA THR A 104 14.47 -2.22 22.97
C THR A 104 14.54 -3.71 23.28
N GLN A 105 13.39 -4.37 23.36
CA GLN A 105 13.38 -5.79 23.66
C GLN A 105 13.85 -6.56 22.44
N THR A 106 13.44 -6.07 21.28
CA THR A 106 13.86 -6.67 20.02
C THR A 106 15.37 -6.54 19.90
N GLN A 107 15.86 -5.35 20.20
CA GLN A 107 17.27 -5.03 20.08
C GLN A 107 18.17 -5.94 20.94
N VAL A 108 17.66 -6.36 22.11
CA VAL A 108 18.36 -7.30 22.98
C VAL A 108 18.63 -8.62 22.27
N VAL A 109 17.63 -9.10 21.52
CA VAL A 109 17.76 -10.29 20.70
C VAL A 109 18.77 -10.03 19.57
N ILE A 110 18.69 -8.86 18.94
CA ILE A 110 19.62 -8.49 17.87
C ILE A 110 21.05 -8.37 18.41
N GLU A 111 21.16 -7.71 19.57
CA GLU A 111 22.46 -7.54 20.19
C GLU A 111 23.10 -8.90 20.47
N ALA A 112 22.29 -9.87 20.86
CA ALA A 112 22.81 -11.19 21.21
C ALA A 112 23.36 -11.97 20.02
N GLY A 113 23.19 -11.43 18.81
CA GLY A 113 23.65 -12.10 17.59
C GLY A 113 22.73 -13.21 17.08
N ALA A 114 21.43 -13.06 17.26
CA ALA A 114 20.51 -14.13 16.85
C ALA A 114 20.23 -14.16 15.35
N VAL A 115 20.29 -13.01 14.68
CA VAL A 115 19.81 -12.96 13.30
C VAL A 115 20.67 -13.74 12.28
N PRO A 116 22.00 -13.68 12.38
CA PRO A 116 22.72 -14.50 11.39
C PRO A 116 22.51 -15.99 11.62
N ILE A 117 22.16 -16.35 12.84
CA ILE A 117 21.92 -17.75 13.15
C ILE A 117 20.55 -18.18 12.64
N PHE A 118 19.56 -17.31 12.82
CA PHE A 118 18.22 -17.57 12.30
C PHE A 118 18.30 -17.76 10.79
N VAL A 119 19.16 -17.01 10.11
CA VAL A 119 19.31 -17.20 8.66
C VAL A 119 19.90 -18.59 8.33
N GLU A 120 20.87 -19.02 9.12
CA GLU A 120 21.39 -20.38 8.96
C GLU A 120 20.27 -21.39 9.17
N LEU A 121 19.41 -21.15 10.16
CA LEU A 121 18.33 -22.07 10.49
C LEU A 121 17.22 -22.14 9.43
N LEU A 122 17.25 -21.23 8.47
CA LEU A 122 16.31 -21.30 7.36
C LEU A 122 16.61 -22.54 6.52
N GLY A 123 17.78 -23.13 6.77
CA GLY A 123 18.21 -24.32 6.08
C GLY A 123 18.24 -25.56 6.97
N SER A 124 17.72 -25.45 8.18
CA SER A 124 17.61 -26.60 9.08
C SER A 124 16.89 -27.76 8.42
N PRO A 125 17.30 -29.00 8.73
CA PRO A 125 16.62 -30.15 8.14
C PRO A 125 15.22 -30.34 8.71
N GLU A 126 14.96 -29.68 9.83
CA GLU A 126 13.74 -29.91 10.60
C GLU A 126 12.73 -28.75 10.37
N PRO A 127 11.61 -29.04 9.69
CA PRO A 127 10.66 -28.03 9.22
C PRO A 127 10.14 -27.08 10.29
N ASP A 128 9.98 -27.53 11.54
CA ASP A 128 9.52 -26.63 12.59
C ASP A 128 10.61 -25.65 13.01
N VAL A 129 11.86 -26.07 12.96
CA VAL A 129 12.95 -25.15 13.26
C VAL A 129 13.02 -24.08 12.18
N ARG A 130 12.94 -24.48 10.91
CA ARG A 130 12.93 -23.53 9.81
C ARG A 130 11.78 -22.52 9.94
N GLU A 131 10.58 -23.03 10.19
CA GLU A 131 9.41 -22.19 10.35
C GLU A 131 9.58 -21.17 11.49
N GLN A 132 10.04 -21.64 12.65
CA GLN A 132 10.24 -20.73 13.78
C GLN A 132 11.30 -19.66 13.49
N ALA A 133 12.27 -19.99 12.64
CA ALA A 133 13.31 -19.05 12.21
C ALA A 133 12.70 -17.97 11.33
N VAL A 134 11.87 -18.41 10.39
CA VAL A 134 11.07 -17.51 9.54
C VAL A 134 10.26 -16.54 10.41
N TRP A 135 9.54 -17.11 11.38
CA TRP A 135 8.72 -16.32 12.29
C TRP A 135 9.57 -15.27 13.07
N ALA A 136 10.70 -15.70 13.60
CA ALA A 136 11.57 -14.79 14.35
C ALA A 136 12.05 -13.66 13.46
N LEU A 137 12.46 -13.98 12.23
CA LEU A 137 12.95 -12.97 11.31
C LEU A 137 11.83 -11.99 10.91
N GLY A 138 10.59 -12.47 10.86
CA GLY A 138 9.47 -11.59 10.61
C GLY A 138 9.32 -10.53 11.68
N ASN A 139 9.40 -10.96 12.94
CA ASN A 139 9.24 -10.06 14.07
C ASN A 139 10.38 -9.07 14.18
N ILE A 140 11.60 -9.54 13.97
CA ILE A 140 12.77 -8.67 14.04
C ILE A 140 12.74 -7.68 12.90
N ALA A 141 12.55 -8.17 11.68
CA ALA A 141 12.50 -7.27 10.53
C ALA A 141 11.31 -6.30 10.63
N GLY A 142 10.27 -6.69 11.36
CA GLY A 142 9.07 -5.87 11.45
C GLY A 142 9.12 -4.71 12.43
N ASP A 143 10.18 -4.65 13.22
CA ASP A 143 10.29 -3.64 14.26
C ASP A 143 10.51 -2.24 13.67
N SER A 144 11.23 -2.16 12.56
CA SER A 144 11.60 -0.87 11.96
C SER A 144 12.26 -1.08 10.61
N PRO A 145 12.41 0.00 9.81
CA PRO A 145 13.14 -0.13 8.55
C PRO A 145 14.63 -0.44 8.74
N GLN A 146 15.21 0.08 9.83
CA GLN A 146 16.62 -0.15 10.11
C GLN A 146 16.81 -1.61 10.44
N CYS A 147 15.94 -2.13 11.30
CA CYS A 147 15.97 -3.54 11.64
C CYS A 147 15.72 -4.40 10.40
N ARG A 148 14.79 -3.95 9.56
CA ARG A 148 14.48 -4.68 8.35
C ARG A 148 15.73 -4.84 7.50
N ASP A 149 16.46 -3.74 7.36
CA ASP A 149 17.67 -3.70 6.56
C ASP A 149 18.79 -4.53 7.17
N TYR A 150 18.83 -4.57 8.50
CA TYR A 150 19.81 -5.38 9.18
C TYR A 150 19.60 -6.83 8.82
N VAL A 151 18.34 -7.27 8.83
CA VAL A 151 18.05 -8.66 8.56
C VAL A 151 18.40 -8.99 7.10
N LEU A 152 18.13 -8.05 6.19
CA LEU A 152 18.45 -8.26 4.79
C LEU A 152 19.95 -8.32 4.59
N SER A 153 20.67 -7.57 5.43
CA SER A 153 22.12 -7.51 5.32
C SER A 153 22.73 -8.86 5.67
N CYS A 154 22.02 -9.67 6.47
CA CYS A 154 22.54 -10.97 6.90
C CYS A 154 22.19 -12.11 5.95
N GLY A 155 21.73 -11.76 4.74
CA GLY A 155 21.42 -12.74 3.70
C GLY A 155 20.13 -13.52 3.90
N ALA A 156 19.10 -12.88 4.46
CA ALA A 156 17.84 -13.56 4.79
C ALA A 156 16.94 -13.83 3.58
N LEU A 157 16.89 -12.89 2.63
CA LEU A 157 15.93 -12.98 1.54
C LEU A 157 16.03 -14.30 0.74
N ARG A 158 17.20 -14.58 0.16
CA ARG A 158 17.33 -15.74 -0.74
C ARG A 158 16.83 -17.04 -0.13
N PRO A 159 17.33 -17.41 1.08
CA PRO A 159 16.77 -18.64 1.64
C PRO A 159 15.30 -18.54 2.03
N LEU A 160 14.76 -17.35 2.22
CA LEU A 160 13.33 -17.23 2.49
C LEU A 160 12.56 -17.47 1.21
N LEU A 161 13.00 -16.81 0.15
CA LEU A 161 12.41 -17.02 -1.17
C LEU A 161 12.44 -18.49 -1.62
N THR A 162 13.44 -19.25 -1.17
CA THR A 162 13.52 -20.66 -1.50
C THR A 162 12.43 -21.44 -0.77
N LEU A 163 12.30 -21.23 0.55
CA LEU A 163 11.27 -21.91 1.33
C LEU A 163 9.89 -21.64 0.77
N LEU A 164 9.67 -20.42 0.28
CA LEU A 164 8.40 -20.03 -0.30
C LEU A 164 8.07 -20.81 -1.59
N GLY A 165 9.10 -21.26 -2.31
CA GLY A 165 8.89 -21.99 -3.55
C GLY A 165 8.76 -23.49 -3.36
N ASP A 166 9.32 -24.02 -2.26
CA ASP A 166 9.39 -25.46 -2.03
C ASP A 166 8.33 -25.99 -1.07
N SER A 167 8.14 -25.31 0.06
CA SER A 167 7.25 -25.78 1.11
C SER A 167 5.81 -26.08 0.63
N ARG A 168 5.26 -27.18 1.10
CA ARG A 168 3.86 -27.47 0.83
C ARG A 168 3.04 -27.22 2.09
N LYS A 169 3.72 -27.00 3.22
CA LYS A 169 3.04 -26.81 4.49
C LYS A 169 2.40 -25.41 4.57
N LEU A 170 1.08 -25.36 4.69
CA LEU A 170 0.35 -24.08 4.66
C LEU A 170 0.84 -23.06 5.71
N SER A 171 1.11 -23.52 6.92
CA SER A 171 1.53 -22.61 8.00
C SER A 171 2.83 -21.92 7.65
N MET A 172 3.78 -22.67 7.08
CA MET A 172 5.04 -22.13 6.61
C MET A 172 4.83 -21.13 5.48
N LEU A 173 3.91 -21.43 4.56
CA LEU A 173 3.61 -20.51 3.47
C LEU A 173 3.05 -19.21 4.01
N ARG A 174 2.15 -19.33 4.99
CA ARG A 174 1.56 -18.17 5.66
C ARG A 174 2.65 -17.35 6.32
N ASN A 175 3.43 -18.01 7.16
CA ASN A 175 4.51 -17.37 7.91
C ASN A 175 5.57 -16.76 7.01
N ALA A 176 6.05 -17.53 6.04
CA ALA A 176 7.08 -17.03 5.15
C ALA A 176 6.55 -15.90 4.24
N THR A 177 5.27 -15.92 3.89
CA THR A 177 4.75 -14.82 3.09
C THR A 177 4.64 -13.55 3.93
N TRP A 178 4.12 -13.69 5.14
CA TRP A 178 4.00 -12.56 6.07
C TRP A 178 5.36 -11.93 6.35
N THR A 179 6.33 -12.78 6.66
CA THR A 179 7.71 -12.36 6.87
C THR A 179 8.30 -11.71 5.63
N LEU A 180 8.05 -12.28 4.46
CA LEU A 180 8.42 -11.60 3.22
C LEU A 180 7.79 -10.20 3.13
N SER A 181 6.56 -10.03 3.59
CA SER A 181 5.97 -8.70 3.50
C SER A 181 6.70 -7.75 4.45
N ASN A 182 7.08 -8.22 5.62
CA ASN A 182 7.86 -7.38 6.53
C ASN A 182 9.24 -6.97 5.95
N PHE A 183 9.84 -7.82 5.11
CA PHE A 183 11.09 -7.48 4.43
C PHE A 183 10.88 -6.38 3.39
N CYS A 184 9.64 -6.25 2.91
CA CYS A 184 9.35 -5.32 1.82
C CYS A 184 8.85 -3.99 2.36
N ARG A 185 8.39 -4.03 3.60
CA ARG A 185 7.60 -2.95 4.18
C ARG A 185 8.50 -1.84 4.72
N GLY A 186 8.11 -0.60 4.49
CA GLY A 186 8.79 0.53 5.10
C GLY A 186 9.28 1.58 4.12
N LYS A 187 9.18 2.85 4.48
CA LYS A 187 9.58 3.93 3.59
C LYS A 187 10.68 4.84 4.14
N THR A 188 11.05 4.68 5.41
CA THR A 188 12.05 5.58 6.03
C THR A 188 13.39 4.91 6.43
N PRO A 189 14.18 4.44 5.44
CA PRO A 189 14.04 4.44 3.99
C PRO A 189 13.36 3.17 3.45
N GLN A 190 13.14 3.11 2.14
CA GLN A 190 12.75 1.83 1.52
C GLN A 190 13.96 0.88 1.44
N PRO A 191 13.71 -0.43 1.44
CA PRO A 191 14.80 -1.37 1.18
C PRO A 191 15.57 -1.00 -0.09
N ASP A 192 16.84 -1.36 -0.16
CA ASP A 192 17.60 -1.17 -1.38
C ASP A 192 16.94 -1.99 -2.49
N TRP A 193 16.77 -1.39 -3.66
CA TRP A 193 15.95 -2.02 -4.68
C TRP A 193 16.50 -3.35 -5.20
N ASN A 194 17.76 -3.38 -5.63
CA ASN A 194 18.38 -4.60 -6.15
C ASN A 194 18.42 -5.72 -5.13
N THR A 195 18.47 -5.35 -3.86
CA THR A 195 18.47 -6.34 -2.78
C THR A 195 17.10 -7.02 -2.60
N ILE A 196 16.01 -6.25 -2.68
CA ILE A 196 14.66 -6.77 -2.43
C ILE A 196 13.94 -7.23 -3.71
N ALA A 197 14.32 -6.67 -4.86
CA ALA A 197 13.74 -7.00 -6.15
C ALA A 197 13.52 -8.50 -6.45
N PRO A 198 14.43 -9.39 -6.02
CA PRO A 198 14.18 -10.81 -6.35
C PRO A 198 12.90 -11.40 -5.72
N ALA A 199 12.20 -10.61 -4.92
CA ALA A 199 10.97 -11.06 -4.31
C ALA A 199 9.82 -11.10 -5.34
N LEU A 200 9.92 -10.26 -6.36
CA LEU A 200 8.82 -10.10 -7.32
C LEU A 200 8.38 -11.42 -7.98
N PRO A 201 9.32 -12.22 -8.52
CA PRO A 201 8.87 -13.50 -9.11
C PRO A 201 8.15 -14.42 -8.13
N VAL A 202 8.61 -14.47 -6.89
CA VAL A 202 7.96 -15.31 -5.89
C VAL A 202 6.59 -14.75 -5.56
N LEU A 203 6.48 -13.42 -5.49
CA LEU A 203 5.20 -12.82 -5.18
C LEU A 203 4.22 -13.01 -6.34
N ALA A 204 4.74 -13.02 -7.57
CA ALA A 204 3.91 -13.23 -8.75
C ALA A 204 3.19 -14.55 -8.66
N LYS A 205 3.79 -15.49 -7.94
CA LYS A 205 3.19 -16.81 -7.79
C LYS A 205 2.26 -16.87 -6.57
N LEU A 206 2.70 -16.34 -5.45
CA LEU A 206 1.90 -16.30 -4.23
C LEU A 206 0.51 -15.63 -4.37
N VAL A 207 0.32 -14.82 -5.40
CA VAL A 207 -0.97 -14.16 -5.60
C VAL A 207 -1.94 -15.07 -6.33
N TYR A 208 -1.49 -16.29 -6.60
CA TYR A 208 -2.34 -17.34 -7.15
C TYR A 208 -2.59 -18.37 -6.08
N SER A 209 -2.13 -18.08 -4.87
CA SER A 209 -2.33 -18.99 -3.76
C SER A 209 -3.82 -19.20 -3.55
N LEU A 210 -4.17 -20.37 -3.03
CA LEU A 210 -5.55 -20.70 -2.73
C LEU A 210 -5.86 -20.30 -1.30
N ASP A 211 -4.85 -19.86 -0.58
CA ASP A 211 -5.05 -19.41 0.79
C ASP A 211 -5.26 -17.89 0.87
N ASP A 212 -6.35 -17.49 1.50
CA ASP A 212 -6.62 -16.08 1.70
C ASP A 212 -5.49 -15.33 2.45
N GLU A 213 -4.98 -15.92 3.52
CA GLU A 213 -3.97 -15.22 4.32
C GLU A 213 -2.66 -14.98 3.54
N VAL A 214 -2.22 -15.99 2.79
CA VAL A 214 -1.08 -15.80 1.91
C VAL A 214 -1.37 -14.68 0.91
N LEU A 215 -2.53 -14.78 0.27
CA LEU A 215 -3.01 -13.78 -0.66
C LEU A 215 -2.91 -12.35 -0.09
N ILE A 216 -3.31 -12.18 1.16
CA ILE A 216 -3.34 -10.86 1.77
C ILE A 216 -1.95 -10.29 1.96
N ASP A 217 -1.07 -11.10 2.55
CA ASP A 217 0.28 -10.65 2.85
C ASP A 217 1.07 -10.44 1.57
N ALA A 218 0.84 -11.31 0.59
CA ALA A 218 1.48 -11.18 -0.72
C ALA A 218 1.12 -9.84 -1.36
N CYS A 219 -0.17 -9.52 -1.34
CA CYS A 219 -0.68 -8.29 -1.94
C CYS A 219 -0.17 -7.05 -1.23
N TRP A 220 -0.05 -7.14 0.09
CA TRP A 220 0.53 -6.01 0.83
C TRP A 220 1.97 -5.81 0.43
N ALA A 221 2.73 -6.90 0.41
CA ALA A 221 4.14 -6.86 0.04
C ALA A 221 4.31 -6.23 -1.33
N ILE A 222 3.42 -6.59 -2.25
CA ILE A 222 3.48 -6.04 -3.60
C ILE A 222 3.18 -4.53 -3.55
N SER A 223 2.26 -4.12 -2.69
CA SER A 223 1.88 -2.72 -2.66
C SER A 223 3.00 -1.87 -2.11
N TYR A 224 3.86 -2.44 -1.25
CA TYR A 224 5.04 -1.73 -0.73
C TYR A 224 6.09 -1.51 -1.82
N LEU A 225 6.33 -2.56 -2.61
CA LEU A 225 7.34 -2.52 -3.66
C LEU A 225 6.91 -1.67 -4.85
N SER A 226 5.63 -1.71 -5.19
CA SER A 226 5.08 -0.94 -6.31
C SER A 226 4.99 0.55 -6.01
N ASP A 227 5.09 0.91 -4.74
CA ASP A 227 5.10 2.30 -4.25
C ASP A 227 6.46 2.95 -4.48
N GLY A 228 6.66 3.53 -5.66
CA GLY A 228 7.99 3.97 -6.02
C GLY A 228 8.09 4.51 -7.43
N SER A 229 9.33 4.59 -7.89
CA SER A 229 9.62 5.24 -9.16
C SER A 229 9.23 4.32 -10.30
N ASN A 230 9.24 4.84 -11.51
CA ASN A 230 8.72 4.08 -12.66
C ASN A 230 9.50 2.80 -12.96
N ASP A 231 10.78 2.77 -12.65
CA ASP A 231 11.60 1.59 -12.87
C ASP A 231 11.13 0.43 -11.99
N LYS A 232 10.63 0.75 -10.79
CA LYS A 232 10.16 -0.24 -9.85
C LYS A 232 8.78 -0.74 -10.29
N ILE A 233 7.98 0.19 -10.79
CA ILE A 233 6.70 -0.18 -11.38
C ILE A 233 6.95 -1.12 -12.56
N GLN A 234 7.92 -0.77 -13.40
CA GLN A 234 8.23 -1.58 -14.56
C GLN A 234 8.57 -3.02 -14.17
N ALA A 235 9.29 -3.18 -13.07
CA ALA A 235 9.73 -4.49 -12.62
C ALA A 235 8.56 -5.34 -12.17
N VAL A 236 7.56 -4.68 -11.61
CA VAL A 236 6.32 -5.34 -11.20
C VAL A 236 5.53 -5.79 -12.42
N ILE A 237 5.49 -4.92 -13.42
CA ILE A 237 4.83 -5.24 -14.68
C ILE A 237 5.46 -6.47 -15.29
N GLU A 238 6.79 -6.49 -15.37
CA GLU A 238 7.49 -7.58 -16.07
C GLU A 238 7.55 -8.88 -15.28
N ALA A 239 7.25 -8.83 -13.99
CA ALA A 239 7.04 -10.06 -13.23
C ALA A 239 5.70 -10.71 -13.59
N GLY A 240 4.86 -9.97 -14.33
CA GLY A 240 3.58 -10.49 -14.81
C GLY A 240 2.45 -10.28 -13.83
N ILE A 241 2.77 -9.61 -12.72
CA ILE A 241 1.84 -9.41 -11.61
C ILE A 241 0.50 -8.66 -11.93
N PRO A 242 0.52 -7.61 -12.78
CA PRO A 242 -0.74 -6.87 -13.03
C PRO A 242 -2.01 -7.69 -13.31
N ARG A 243 -1.94 -8.72 -14.15
CA ARG A 243 -3.14 -9.48 -14.49
C ARG A 243 -3.84 -10.05 -13.27
N ARG A 244 -3.10 -10.68 -12.37
CA ARG A 244 -3.74 -11.33 -11.25
C ARG A 244 -4.19 -10.29 -10.20
N LEU A 245 -3.44 -9.20 -10.06
CA LEU A 245 -3.87 -8.12 -9.16
C LEU A 245 -5.26 -7.59 -9.54
N VAL A 246 -5.43 -7.29 -10.82
CA VAL A 246 -6.70 -6.81 -11.33
C VAL A 246 -7.80 -7.81 -11.06
N GLU A 247 -7.53 -9.11 -11.27
CA GLU A 247 -8.52 -10.13 -10.96
C GLU A 247 -8.85 -10.10 -9.47
N LEU A 248 -7.86 -9.83 -8.63
CA LEU A 248 -8.09 -9.82 -7.19
C LEU A 248 -8.86 -8.57 -6.72
N LEU A 249 -8.99 -7.55 -7.58
CA LEU A 249 -9.84 -6.38 -7.24
C LEU A 249 -11.28 -6.81 -6.90
N MET A 250 -11.71 -7.91 -7.50
CA MET A 250 -13.07 -8.39 -7.36
C MET A 250 -13.19 -9.56 -6.40
N HIS A 251 -12.14 -9.78 -5.64
CA HIS A 251 -12.13 -10.82 -4.61
C HIS A 251 -13.20 -10.58 -3.53
N ALA A 252 -13.81 -11.66 -3.07
CA ALA A 252 -14.82 -11.61 -2.00
C ALA A 252 -14.37 -10.81 -0.77
N SER A 253 -13.13 -11.05 -0.35
CA SER A 253 -12.57 -10.45 0.85
C SER A 253 -12.03 -9.02 0.65
N THR A 254 -12.57 -8.08 1.41
CA THR A 254 -12.08 -6.70 1.38
C THR A 254 -10.60 -6.66 1.82
N SER A 255 -10.20 -7.61 2.66
CA SER A 255 -8.81 -7.71 3.10
C SER A 255 -7.86 -8.04 1.94
N VAL A 256 -8.38 -8.66 0.88
CA VAL A 256 -7.58 -8.94 -0.30
C VAL A 256 -7.68 -7.77 -1.25
N GLN A 257 -8.90 -7.25 -1.39
CA GLN A 257 -9.17 -6.17 -2.32
C GLN A 257 -8.34 -4.92 -2.03
N THR A 258 -8.25 -4.57 -0.74
CA THR A 258 -7.57 -3.33 -0.35
C THR A 258 -6.11 -3.29 -0.82
N PRO A 259 -5.28 -4.29 -0.47
CA PRO A 259 -3.91 -4.21 -0.97
C PRO A 259 -3.77 -4.45 -2.48
N ALA A 260 -4.68 -5.21 -3.08
CA ALA A 260 -4.63 -5.37 -4.52
C ALA A 260 -4.98 -4.03 -5.20
N LEU A 261 -5.97 -3.34 -4.66
CA LEU A 261 -6.33 -2.02 -5.15
C LEU A 261 -5.17 -1.04 -5.02
N ARG A 262 -4.59 -1.01 -3.82
CA ARG A 262 -3.40 -0.21 -3.53
C ARG A 262 -2.30 -0.42 -4.57
N SER A 263 -2.10 -1.69 -4.96
CA SER A 263 -1.02 -2.02 -5.89
C SER A 263 -1.35 -1.53 -7.30
N VAL A 264 -2.57 -1.78 -7.75
CA VAL A 264 -3.03 -1.27 -9.03
C VAL A 264 -2.94 0.27 -9.07
N GLY A 265 -3.30 0.91 -7.96
CA GLY A 265 -3.20 2.35 -7.86
C GLY A 265 -1.78 2.83 -8.08
N ASN A 266 -0.85 2.19 -7.40
CA ASN A 266 0.57 2.48 -7.56
C ASN A 266 1.04 2.37 -9.00
N ILE A 267 0.58 1.34 -9.68
CA ILE A 267 1.05 1.08 -11.03
C ILE A 267 0.68 2.23 -11.95
N VAL A 268 -0.56 2.70 -11.86
CA VAL A 268 -1.03 3.77 -12.75
C VAL A 268 -0.50 5.16 -12.33
N THR A 269 0.35 5.21 -11.30
CA THR A 269 1.14 6.41 -11.07
C THR A 269 2.33 6.41 -12.02
N GLY A 270 2.46 5.34 -12.81
CA GLY A 270 3.55 5.22 -13.76
C GLY A 270 3.27 6.01 -15.03
N ASP A 271 4.06 5.79 -16.07
CA ASP A 271 3.84 6.51 -17.32
C ASP A 271 2.63 5.95 -18.04
N ASP A 272 2.37 6.44 -19.23
CA ASP A 272 1.11 6.12 -19.91
C ASP A 272 1.09 4.70 -20.39
N VAL A 273 2.23 4.20 -20.83
CA VAL A 273 2.30 2.81 -21.29
C VAL A 273 2.12 1.84 -20.12
N GLN A 274 2.69 2.17 -18.97
CA GLN A 274 2.53 1.36 -17.76
C GLN A 274 1.10 1.43 -17.27
N THR A 275 0.49 2.58 -17.43
CA THR A 275 -0.91 2.73 -17.05
C THR A 275 -1.77 1.90 -17.99
N GLN A 276 -1.35 1.86 -19.25
CA GLN A 276 -2.11 1.16 -20.27
C GLN A 276 -2.14 -0.33 -20.02
N VAL A 277 -1.11 -0.85 -19.37
CA VAL A 277 -1.11 -2.27 -19.00
C VAL A 277 -2.31 -2.56 -18.11
N ILE A 278 -2.59 -1.63 -17.21
CA ILE A 278 -3.66 -1.84 -16.26
C ILE A 278 -5.03 -1.73 -16.94
N ILE A 279 -5.15 -0.85 -17.93
CA ILE A 279 -6.37 -0.75 -18.67
C ILE A 279 -6.57 -2.06 -19.46
N ASN A 280 -5.49 -2.57 -20.04
CA ASN A 280 -5.62 -3.72 -20.93
C ASN A 280 -5.85 -5.03 -20.18
N CYS A 281 -5.66 -5.02 -18.87
CA CYS A 281 -5.96 -6.16 -18.01
C CYS A 281 -7.38 -6.07 -17.49
N GLY A 282 -8.16 -5.13 -18.05
CA GLY A 282 -9.55 -4.94 -17.69
C GLY A 282 -9.87 -4.38 -16.31
N ALA A 283 -9.10 -3.40 -15.87
CA ALA A 283 -9.25 -2.88 -14.51
C ALA A 283 -10.44 -1.93 -14.39
N LEU A 284 -10.77 -1.27 -15.49
CA LEU A 284 -11.78 -0.20 -15.45
C LEU A 284 -13.15 -0.73 -15.02
N PRO A 285 -13.65 -1.86 -15.60
CA PRO A 285 -14.90 -2.40 -15.06
C PRO A 285 -14.82 -2.72 -13.57
N CYS A 286 -13.65 -3.14 -13.09
CA CYS A 286 -13.48 -3.44 -11.66
C CYS A 286 -13.50 -2.15 -10.83
N LEU A 287 -12.88 -1.12 -11.36
CA LEU A 287 -12.83 0.14 -10.66
C LEU A 287 -14.23 0.74 -10.62
N LEU A 288 -15.00 0.55 -11.68
CA LEU A 288 -16.38 1.01 -11.69
C LEU A 288 -17.15 0.36 -10.54
N SER A 289 -17.05 -0.96 -10.45
CA SER A 289 -17.59 -1.74 -9.33
C SER A 289 -17.10 -1.28 -7.94
N LEU A 290 -15.78 -1.13 -7.78
CA LEU A 290 -15.20 -0.77 -6.48
C LEU A 290 -15.68 0.61 -6.00
N LEU A 291 -16.11 1.47 -6.91
CA LEU A 291 -16.72 2.74 -6.52
C LEU A 291 -17.91 2.53 -5.61
N SER A 292 -18.54 1.37 -5.70
CA SER A 292 -19.72 1.09 -4.89
C SER A 292 -19.45 0.17 -3.71
N SER A 293 -18.17 -0.07 -3.44
CA SER A 293 -17.74 -0.91 -2.33
C SER A 293 -18.33 -0.40 -1.02
N ASN A 294 -18.51 -1.30 -0.05
CA ASN A 294 -19.06 -0.90 1.23
C ASN A 294 -18.02 -0.24 2.13
N LYS A 295 -16.74 -0.45 1.83
CA LYS A 295 -15.65 0.18 2.60
C LYS A 295 -15.30 1.58 2.03
N ASP A 296 -15.28 2.59 2.89
CA ASP A 296 -14.97 3.96 2.45
C ASP A 296 -13.61 4.04 1.81
N GLY A 297 -12.65 3.34 2.41
CA GLY A 297 -11.27 3.35 1.97
C GLY A 297 -11.15 2.84 0.54
N ILE A 298 -11.88 1.78 0.23
CA ILE A 298 -11.80 1.21 -1.11
C ILE A 298 -12.36 2.19 -2.13
N ARG A 299 -13.51 2.79 -1.83
CA ARG A 299 -14.11 3.84 -2.67
C ARG A 299 -13.14 4.99 -2.93
N LYS A 300 -12.58 5.52 -1.85
CA LYS A 300 -11.62 6.63 -1.93
C LYS A 300 -10.43 6.23 -2.80
N GLU A 301 -9.93 5.02 -2.56
CA GLU A 301 -8.81 4.43 -3.28
C GLU A 301 -9.12 4.26 -4.76
N ALA A 302 -10.33 3.81 -5.04
CA ALA A 302 -10.77 3.58 -6.40
C ALA A 302 -10.72 4.91 -7.17
N CYS A 303 -11.25 5.98 -6.57
CA CYS A 303 -11.16 7.33 -7.13
C CYS A 303 -9.74 7.82 -7.38
N TRP A 304 -8.87 7.57 -6.41
CA TRP A 304 -7.46 7.96 -6.54
C TRP A 304 -6.84 7.23 -7.73
N THR A 305 -7.12 5.94 -7.84
CA THR A 305 -6.63 5.17 -8.98
C THR A 305 -7.17 5.72 -10.31
N ILE A 306 -8.45 6.03 -10.35
CA ILE A 306 -9.05 6.57 -11.55
C ILE A 306 -8.42 7.92 -11.92
N SER A 307 -8.17 8.76 -10.92
CA SER A 307 -7.60 10.09 -11.17
C SER A 307 -6.24 9.98 -11.86
N ASN A 308 -5.47 8.95 -11.50
CA ASN A 308 -4.18 8.77 -12.14
C ASN A 308 -4.33 8.19 -13.53
N ILE A 309 -5.47 7.57 -13.82
CA ILE A 309 -5.71 7.14 -15.18
C ILE A 309 -6.22 8.35 -16.00
N THR A 310 -7.06 9.22 -15.42
CA THR A 310 -7.50 10.39 -16.20
C THR A 310 -6.43 11.48 -16.22
N ALA A 311 -5.31 11.25 -15.56
CA ALA A 311 -4.18 12.16 -15.70
C ALA A 311 -3.34 11.77 -16.92
N GLY A 312 -3.81 10.76 -17.65
CA GLY A 312 -3.07 10.19 -18.76
C GLY A 312 -3.35 10.84 -20.11
N ASN A 313 -3.21 10.06 -21.18
CA ASN A 313 -3.42 10.63 -22.52
C ASN A 313 -4.89 10.63 -22.88
N SER A 314 -5.20 11.23 -24.03
CA SER A 314 -6.56 11.36 -24.52
C SER A 314 -7.30 10.03 -24.55
N ALA A 315 -6.64 9.02 -25.09
CA ALA A 315 -7.25 7.72 -25.24
C ALA A 315 -7.57 7.09 -23.89
N GLN A 316 -6.83 7.47 -22.85
CA GLN A 316 -7.04 6.84 -21.56
C GLN A 316 -8.18 7.49 -20.82
N ILE A 317 -8.33 8.81 -20.99
CA ILE A 317 -9.51 9.54 -20.56
C ILE A 317 -10.75 8.93 -21.24
N GLN A 318 -10.64 8.64 -22.53
CA GLN A 318 -11.72 8.09 -23.31
C GLN A 318 -12.12 6.72 -22.81
N SER A 319 -11.13 5.91 -22.42
CA SER A 319 -11.37 4.62 -21.77
C SER A 319 -12.22 4.76 -20.51
N VAL A 320 -11.95 5.79 -19.72
CA VAL A 320 -12.69 5.96 -18.48
C VAL A 320 -14.13 6.40 -18.79
N ILE A 321 -14.27 7.23 -19.81
CA ILE A 321 -15.58 7.62 -20.28
C ILE A 321 -16.35 6.40 -20.82
N ASP A 322 -15.72 5.61 -21.67
CA ASP A 322 -16.41 4.50 -22.32
C ASP A 322 -16.77 3.40 -21.30
N ALA A 323 -16.14 3.45 -20.14
CA ALA A 323 -16.41 2.50 -19.06
C ALA A 323 -17.52 2.97 -18.16
N ASN A 324 -18.09 4.14 -18.46
CA ASN A 324 -19.20 4.71 -17.67
C ASN A 324 -18.80 5.00 -16.23
N ILE A 325 -17.53 5.33 -16.02
CA ILE A 325 -17.03 5.70 -14.70
C ILE A 325 -17.42 7.15 -14.32
N ILE A 326 -17.59 8.01 -15.33
CA ILE A 326 -17.82 9.43 -15.09
C ILE A 326 -19.08 9.77 -14.25
N PRO A 327 -20.26 9.20 -14.59
CA PRO A 327 -21.39 9.52 -13.70
C PRO A 327 -21.21 9.13 -12.21
N PRO A 328 -20.80 7.90 -11.89
CA PRO A 328 -20.54 7.63 -10.47
C PRO A 328 -19.58 8.63 -9.80
N LEU A 329 -18.54 9.06 -10.53
CA LEU A 329 -17.58 10.03 -10.03
C LEU A 329 -18.29 11.33 -9.69
N ILE A 330 -19.03 11.85 -10.67
CA ILE A 330 -19.70 13.12 -10.52
C ILE A 330 -20.66 13.07 -9.32
N HIS A 331 -21.31 11.92 -9.16
CA HIS A 331 -22.11 11.63 -7.97
C HIS A 331 -21.28 11.71 -6.67
N LEU A 332 -20.07 11.16 -6.72
CA LEU A 332 -19.22 11.14 -5.54
C LEU A 332 -18.62 12.50 -5.21
N LEU A 333 -18.58 13.40 -6.18
CA LEU A 333 -18.16 14.79 -5.94
C LEU A 333 -19.04 15.50 -4.90
N SER A 334 -20.27 15.00 -4.74
CA SER A 334 -21.23 15.58 -3.79
C SER A 334 -21.43 14.68 -2.57
N HIS A 335 -21.33 13.38 -2.78
CA HIS A 335 -21.70 12.45 -1.72
C HIS A 335 -20.48 11.73 -1.15
N ALA A 336 -20.65 11.30 0.10
CA ALA A 336 -19.64 10.63 0.92
C ALA A 336 -18.69 11.69 1.52
N ASP A 337 -17.69 11.21 2.26
CA ASP A 337 -16.88 12.09 3.05
C ASP A 337 -16.00 13.00 2.18
N LEU A 338 -15.39 13.99 2.81
CA LEU A 338 -14.61 14.99 2.11
C LEU A 338 -13.40 14.39 1.42
N LYS A 339 -12.78 13.39 2.04
CA LYS A 339 -11.61 12.76 1.44
C LYS A 339 -11.99 12.15 0.10
N THR A 340 -13.21 11.65 0.02
CA THR A 340 -13.76 11.10 -1.21
C THR A 340 -14.00 12.20 -2.25
N ARG A 341 -14.75 13.23 -1.86
CA ARG A 341 -14.98 14.37 -2.74
C ARG A 341 -13.66 14.95 -3.29
N LYS A 342 -12.62 14.96 -2.46
CA LYS A 342 -11.31 15.40 -2.89
C LYS A 342 -10.77 14.54 -4.03
N GLU A 343 -10.78 13.22 -3.88
CA GLU A 343 -10.22 12.35 -4.90
C GLU A 343 -11.04 12.37 -6.19
N ALA A 344 -12.37 12.43 -6.06
CA ALA A 344 -13.22 12.53 -7.24
C ALA A 344 -12.97 13.84 -7.98
N CYS A 345 -12.74 14.92 -7.23
CA CYS A 345 -12.38 16.19 -7.84
C CYS A 345 -11.16 16.08 -8.76
N TRP A 346 -10.06 15.53 -8.24
CA TRP A 346 -8.88 15.26 -9.07
C TRP A 346 -9.23 14.45 -10.32
N ALA A 347 -10.08 13.43 -10.14
CA ALA A 347 -10.37 12.50 -11.23
C ALA A 347 -11.08 13.22 -12.36
N ILE A 348 -12.08 14.02 -12.00
CA ILE A 348 -12.89 14.70 -13.00
C ILE A 348 -12.10 15.84 -13.62
N SER A 349 -11.37 16.57 -12.79
CA SER A 349 -10.58 17.69 -13.27
C SER A 349 -9.50 17.21 -14.24
N ASN A 350 -8.82 16.14 -13.88
CA ASN A 350 -7.82 15.56 -14.76
C ASN A 350 -8.43 15.27 -16.11
N ALA A 351 -9.69 14.86 -16.11
CA ALA A 351 -10.36 14.43 -17.33
C ALA A 351 -10.63 15.58 -18.30
N THR A 352 -10.40 16.82 -17.87
CA THR A 352 -10.67 17.99 -18.72
C THR A 352 -9.40 18.43 -19.46
N SER A 353 -8.40 17.55 -19.49
CA SER A 353 -7.08 17.89 -20.00
C SER A 353 -6.99 18.02 -21.52
N GLY A 354 -7.95 17.51 -22.25
CA GLY A 354 -7.79 17.43 -23.69
C GLY A 354 -8.76 18.24 -24.52
N GLY A 355 -9.09 19.44 -24.04
CA GLY A 355 -10.01 20.31 -24.73
C GLY A 355 -9.52 20.70 -26.10
N LEU A 356 -8.21 20.67 -26.28
CA LEU A 356 -7.62 20.94 -27.60
C LEU A 356 -7.74 19.74 -28.53
N GLN A 357 -7.37 18.56 -28.04
CA GLN A 357 -7.36 17.37 -28.86
C GLN A 357 -8.77 16.84 -29.09
N LYS A 358 -9.47 16.50 -28.01
CA LYS A 358 -10.81 15.96 -28.14
C LYS A 358 -11.80 16.64 -27.19
N PRO A 359 -12.28 17.83 -27.59
CA PRO A 359 -13.15 18.69 -26.78
C PRO A 359 -14.48 18.03 -26.51
N ASP A 360 -14.79 16.99 -27.29
CA ASP A 360 -16.01 16.20 -27.10
C ASP A 360 -16.07 15.62 -25.70
N GLN A 361 -14.90 15.37 -25.12
CA GLN A 361 -14.81 14.82 -23.77
C GLN A 361 -15.32 15.82 -22.72
N ILE A 362 -14.89 17.08 -22.81
CA ILE A 362 -15.33 18.09 -21.84
C ILE A 362 -16.85 18.28 -21.97
N ARG A 363 -17.32 18.34 -23.20
CA ARG A 363 -18.75 18.51 -23.43
C ARG A 363 -19.54 17.36 -22.86
N TYR A 364 -18.92 16.18 -22.81
CA TYR A 364 -19.56 15.04 -22.15
C TYR A 364 -19.61 15.23 -20.63
N LEU A 365 -18.50 15.68 -20.04
CA LEU A 365 -18.39 15.94 -18.60
C LEU A 365 -19.36 17.03 -18.20
N VAL A 366 -19.48 18.05 -19.04
CA VAL A 366 -20.44 19.10 -18.78
C VAL A 366 -21.85 18.50 -18.84
N ALA A 367 -22.13 17.70 -19.85
CA ALA A 367 -23.49 17.17 -20.01
C ALA A 367 -23.86 16.20 -18.88
N GLN A 368 -22.86 15.67 -18.17
CA GLN A 368 -23.15 14.80 -17.03
C GLN A 368 -23.21 15.57 -15.71
N GLY A 369 -23.16 16.90 -15.81
CA GLY A 369 -23.33 17.79 -14.67
C GLY A 369 -22.12 17.99 -13.77
N CYS A 370 -20.95 18.18 -14.35
CA CYS A 370 -19.75 18.34 -13.55
C CYS A 370 -19.60 19.77 -13.00
N ILE A 371 -20.07 20.78 -13.75
CA ILE A 371 -19.85 22.16 -13.38
C ILE A 371 -20.33 22.53 -11.97
N LYS A 372 -21.58 22.22 -11.63
CA LYS A 372 -22.09 22.62 -10.33
C LYS A 372 -21.30 22.00 -9.15
N PRO A 373 -21.03 20.69 -9.17
CA PRO A 373 -20.21 20.18 -8.05
C PRO A 373 -18.77 20.67 -8.02
N LEU A 374 -18.22 21.07 -9.17
CA LEU A 374 -16.88 21.64 -9.20
C LEU A 374 -16.89 23.01 -8.56
N CYS A 375 -17.94 23.78 -8.84
CA CYS A 375 -18.10 25.13 -8.28
C CYS A 375 -18.17 25.09 -6.76
N ASP A 376 -18.92 24.12 -6.24
CA ASP A 376 -19.02 23.90 -4.81
C ASP A 376 -17.67 23.75 -4.13
N LEU A 377 -16.79 23.01 -4.79
CA LEU A 377 -15.49 22.71 -4.21
C LEU A 377 -14.57 23.92 -4.20
N LEU A 378 -14.97 24.99 -4.89
CA LEU A 378 -14.17 26.21 -4.87
C LEU A 378 -14.14 26.83 -3.49
N ALA A 379 -15.09 26.42 -2.65
CA ALA A 379 -15.13 26.86 -1.27
C ALA A 379 -14.57 25.77 -0.35
N CYS A 380 -13.68 24.96 -0.89
CA CYS A 380 -13.04 23.89 -0.11
C CYS A 380 -11.93 24.45 0.77
N PRO A 381 -11.90 24.03 2.04
CA PRO A 381 -10.83 24.46 2.95
C PRO A 381 -9.44 24.04 2.49
N ASP A 382 -9.35 23.12 1.54
CA ASP A 382 -8.07 22.71 0.98
C ASP A 382 -7.70 23.52 -0.27
N ASN A 383 -6.59 24.26 -0.21
CA ASN A 383 -6.17 25.12 -1.32
C ASN A 383 -5.77 24.36 -2.59
N LYS A 384 -5.20 23.17 -2.45
CA LYS A 384 -4.87 22.38 -3.63
C LYS A 384 -6.15 22.00 -4.39
N ILE A 385 -7.21 21.70 -3.64
CA ILE A 385 -8.48 21.31 -4.23
C ILE A 385 -9.11 22.47 -4.96
N ILE A 386 -9.09 23.64 -4.33
CA ILE A 386 -9.60 24.85 -4.96
C ILE A 386 -8.93 25.05 -6.32
N GLN A 387 -7.60 24.86 -6.37
CA GLN A 387 -6.82 25.06 -7.59
C GLN A 387 -7.24 24.05 -8.66
N VAL A 388 -7.35 22.79 -8.25
CA VAL A 388 -7.78 21.71 -9.14
C VAL A 388 -9.20 21.97 -9.70
N ALA A 389 -10.12 22.45 -8.88
CA ALA A 389 -11.47 22.76 -9.40
C ALA A 389 -11.43 23.95 -10.35
N LEU A 390 -10.60 24.93 -10.01
CA LEU A 390 -10.40 26.11 -10.84
C LEU A 390 -9.82 25.77 -12.20
N ASP A 391 -8.79 24.91 -12.21
CA ASP A 391 -8.20 24.40 -13.46
C ASP A 391 -9.25 23.77 -14.35
N GLY A 392 -10.01 22.84 -13.78
CA GLY A 392 -11.04 22.14 -14.50
C GLY A 392 -12.01 23.12 -15.11
N LEU A 393 -12.48 24.08 -14.31
CA LEU A 393 -13.43 25.08 -14.78
C LEU A 393 -12.85 26.01 -15.85
N GLU A 394 -11.53 26.23 -15.85
CA GLU A 394 -10.93 27.05 -16.90
C GLU A 394 -10.94 26.27 -18.23
N ASN A 395 -10.62 24.98 -18.15
CA ASN A 395 -10.68 24.09 -19.30
C ASN A 395 -12.10 23.94 -19.87
N ILE A 396 -13.08 23.86 -18.99
CA ILE A 396 -14.49 23.81 -19.38
C ILE A 396 -14.82 25.06 -20.20
N LEU A 397 -14.44 26.21 -19.65
CA LEU A 397 -14.70 27.49 -20.28
C LEU A 397 -14.07 27.64 -21.65
N LYS A 398 -12.83 27.21 -21.80
CA LYS A 398 -12.13 27.37 -23.07
C LYS A 398 -12.84 26.63 -24.21
N VAL A 399 -13.42 25.48 -23.90
CA VAL A 399 -14.20 24.73 -24.89
C VAL A 399 -15.48 25.49 -25.25
N GLY A 400 -16.15 26.03 -24.23
CA GLY A 400 -17.35 26.83 -24.46
C GLY A 400 -17.04 28.05 -25.29
N GLU A 401 -15.85 28.61 -25.08
CA GLU A 401 -15.35 29.75 -25.83
C GLU A 401 -15.03 29.36 -27.28
N LEU A 402 -14.62 28.11 -27.50
CA LEU A 402 -14.37 27.62 -28.85
C LEU A 402 -15.69 27.38 -29.57
N ASP A 403 -16.69 26.94 -28.83
CA ASP A 403 -18.03 26.70 -29.38
C ASP A 403 -18.74 28.02 -29.65
N LYS A 404 -18.44 29.01 -28.81
CA LYS A 404 -18.96 30.35 -28.97
C LYS A 404 -18.49 30.98 -30.29
N ASN A 405 -17.18 30.95 -30.52
CA ASN A 405 -16.59 31.59 -31.71
C ASN A 405 -16.94 30.86 -33.02
N ALA A 406 -17.48 29.65 -32.91
CA ALA A 406 -17.84 28.88 -34.09
C ALA A 406 -19.34 28.93 -34.36
N ALA A 407 -20.05 29.78 -33.61
CA ALA A 407 -21.48 29.98 -33.80
C ALA A 407 -21.77 31.16 -34.73
N SER A 413 -24.35 35.65 -29.52
CA SER A 413 -23.72 34.33 -29.44
C SER A 413 -22.75 34.29 -28.25
N ILE A 414 -23.02 33.40 -27.29
CA ILE A 414 -22.33 33.40 -26.00
C ILE A 414 -21.58 32.11 -25.66
N ASN A 415 -20.74 32.22 -24.62
CA ASN A 415 -20.12 31.06 -23.96
C ASN A 415 -21.11 30.47 -22.96
N ARG A 416 -21.81 29.42 -23.37
CA ARG A 416 -22.90 28.85 -22.58
C ARG A 416 -22.41 28.22 -21.29
N TYR A 417 -21.13 27.86 -21.26
CA TYR A 417 -20.55 27.26 -20.08
C TYR A 417 -20.34 28.36 -19.05
N ALA A 418 -19.92 29.53 -19.50
CA ALA A 418 -19.78 30.67 -18.61
C ALA A 418 -21.16 31.08 -18.08
N LEU A 419 -22.18 30.93 -18.91
CA LEU A 419 -23.53 31.28 -18.50
C LEU A 419 -24.02 30.36 -17.40
N PHE A 420 -23.79 29.06 -17.57
CA PHE A 420 -24.28 28.09 -16.59
C PHE A 420 -23.46 28.28 -15.31
N ILE A 421 -22.21 28.68 -15.45
CA ILE A 421 -21.38 28.96 -14.27
C ILE A 421 -21.91 30.21 -13.55
N GLU A 422 -22.38 31.19 -14.32
CA GLU A 422 -22.97 32.39 -13.73
C GLU A 422 -24.25 32.09 -12.98
N GLU A 423 -25.14 31.34 -13.61
CA GLU A 423 -26.47 31.26 -13.06
C GLU A 423 -26.60 30.12 -12.07
N CYS A 424 -25.55 29.31 -11.93
CA CYS A 424 -25.63 28.27 -10.93
C CYS A 424 -25.04 28.80 -9.63
N GLY A 425 -24.39 29.97 -9.74
CA GLY A 425 -23.80 30.63 -8.59
C GLY A 425 -22.30 30.45 -8.56
N GLY A 426 -21.76 29.84 -9.62
CA GLY A 426 -20.34 29.52 -9.67
C GLY A 426 -19.42 30.70 -9.90
N MET A 427 -19.89 31.65 -10.71
CA MET A 427 -19.17 32.87 -11.00
C MET A 427 -18.84 33.67 -9.73
N GLU A 428 -19.80 33.71 -8.80
CA GLU A 428 -19.59 34.41 -7.54
C GLU A 428 -18.55 33.68 -6.68
N LYS A 429 -18.51 32.35 -6.77
CA LYS A 429 -17.53 31.55 -6.02
C LYS A 429 -16.12 31.66 -6.59
N ILE A 430 -16.02 31.86 -7.90
CA ILE A 430 -14.74 32.16 -8.54
C ILE A 430 -14.25 33.52 -8.05
N HIS A 431 -15.18 34.48 -8.03
CA HIS A 431 -14.99 35.84 -7.55
C HIS A 431 -14.40 35.87 -6.13
N ASP A 432 -14.93 35.04 -5.23
CA ASP A 432 -14.41 34.93 -3.88
C ASP A 432 -13.00 34.30 -3.81
N CYS A 433 -12.58 33.62 -4.88
CA CYS A 433 -11.25 33.02 -4.88
C CYS A 433 -10.17 34.08 -5.06
N GLN A 434 -10.58 35.30 -5.38
CA GLN A 434 -9.61 36.37 -5.58
C GLN A 434 -9.11 36.88 -4.23
N THR A 435 -9.64 36.31 -3.15
CA THR A 435 -9.26 36.69 -1.79
C THR A 435 -8.63 35.50 -1.05
N ASN A 436 -7.59 34.91 -1.65
CA ASN A 436 -7.14 33.59 -1.23
C ASN A 436 -5.65 33.46 -0.84
N ALA A 437 -4.87 34.48 -1.16
CA ALA A 437 -3.46 34.57 -0.75
C ALA A 437 -2.54 33.58 -1.46
N ASN A 438 -2.99 32.35 -1.70
CA ASN A 438 -2.20 31.45 -2.52
C ASN A 438 -2.13 32.05 -3.91
N GLU A 439 -0.91 32.39 -4.34
CA GLU A 439 -0.72 33.13 -5.58
C GLU A 439 -1.35 32.41 -6.75
N GLU A 440 -1.18 31.10 -6.80
CA GLU A 440 -1.73 30.28 -7.87
C GLU A 440 -3.24 30.49 -7.96
N ILE A 441 -3.88 30.63 -6.81
CA ILE A 441 -5.34 30.62 -6.77
C ILE A 441 -5.94 31.94 -7.20
N TYR A 442 -5.49 33.06 -6.62
CA TYR A 442 -6.17 34.33 -6.90
C TYR A 442 -5.88 34.83 -8.31
N MET A 443 -4.64 34.65 -8.77
CA MET A 443 -4.28 35.09 -10.10
C MET A 443 -5.10 34.31 -11.13
N LYS A 444 -5.28 33.01 -10.88
CA LYS A 444 -6.10 32.14 -11.72
C LYS A 444 -7.57 32.57 -11.74
N ALA A 445 -8.07 32.85 -10.54
CA ALA A 445 -9.43 33.33 -10.38
C ALA A 445 -9.64 34.66 -11.09
N TYR A 446 -8.65 35.55 -11.03
CA TYR A 446 -8.74 36.87 -11.66
C TYR A 446 -8.93 36.77 -13.16
N ASN A 447 -8.05 36.01 -13.82
CA ASN A 447 -8.10 35.88 -15.27
C ASN A 447 -9.38 35.22 -15.80
N ILE A 448 -10.00 34.35 -15.01
CA ILE A 448 -11.25 33.74 -15.43
C ILE A 448 -12.34 34.82 -15.44
N ILE A 449 -12.35 35.66 -14.41
CA ILE A 449 -13.28 36.78 -14.36
C ILE A 449 -12.99 37.79 -15.45
N GLU A 450 -11.72 38.12 -15.63
CA GLU A 450 -11.33 39.11 -16.64
C GLU A 450 -11.58 38.58 -18.05
N LYS A 451 -11.56 37.27 -18.24
CA LYS A 451 -11.70 36.70 -19.58
C LYS A 451 -13.14 36.40 -19.95
N TYR A 452 -13.88 35.74 -19.04
CA TYR A 452 -15.22 35.24 -19.35
C TYR A 452 -16.36 35.95 -18.61
N PHE A 453 -16.03 36.90 -17.75
CA PHE A 453 -17.08 37.60 -16.98
C PHE A 453 -16.84 39.12 -16.79
N SER A 454 -16.30 39.80 -17.81
CA SER A 454 -15.98 41.23 -17.71
C SER A 454 -17.22 42.09 -17.43
N SER B 3 0.97 -2.42 14.42
CA SER B 3 2.00 -3.38 14.82
C SER B 3 2.14 -4.50 13.79
N SER B 4 3.35 -4.67 13.26
CA SER B 4 3.64 -5.65 12.23
C SER B 4 4.35 -6.85 12.82
N LYS B 5 4.03 -7.16 14.07
CA LYS B 5 4.64 -8.27 14.77
C LYS B 5 3.58 -9.30 15.16
N ARG B 6 4.01 -10.54 15.34
CA ARG B 6 3.12 -11.63 15.78
C ARG B 6 3.75 -12.46 16.88
N GLN B 7 3.13 -12.47 18.05
CA GLN B 7 3.52 -13.38 19.12
C GLN B 7 2.97 -14.76 18.80
N ARG B 8 3.74 -15.81 19.10
CA ARG B 8 3.25 -17.16 18.90
C ARG B 8 2.55 -17.65 20.17
N ARG B 9 1.26 -17.94 20.03
CA ARG B 9 0.29 -18.19 21.12
C ARG B 9 0.08 -16.92 21.96
N SER C 4 1.00 16.13 -13.38
CA SER C 4 1.03 15.01 -14.31
C SER C 4 0.49 13.71 -13.72
N LYS C 5 0.92 13.35 -12.51
CA LYS C 5 0.51 12.11 -11.85
C LYS C 5 0.78 12.22 -10.35
N ARG C 6 -0.14 11.75 -9.50
CA ARG C 6 0.02 11.94 -8.05
C ARG C 6 0.46 10.70 -7.32
N GLN C 7 1.59 10.79 -6.61
CA GLN C 7 2.09 9.67 -5.81
C GLN C 7 1.39 9.66 -4.45
N ARG C 8 2.06 9.03 -3.47
CA ARG C 8 1.56 8.73 -2.10
C ARG C 8 0.05 8.45 -2.15
N ARG C 9 -0.24 7.16 -2.33
CA ARG C 9 0.82 6.16 -2.51
C ARG C 9 1.22 6.04 -3.99
#